data_1BTU
#
_entry.id   1BTU
#
_cell.length_a   50.570
_cell.length_b   57.930
_cell.length_c   74.720
_cell.angle_alpha   90.00
_cell.angle_beta   90.00
_cell.angle_gamma   90.00
#
_symmetry.space_group_name_H-M   'P 21 21 21'
#
loop_
_entity.id
_entity.type
_entity.pdbx_description
1 polymer ELASTASE
2 non-polymer 'CALCIUM ION'
3 non-polymer 'SULFATE ION'
4 non-polymer '(3R)-3-ethyl-N-[(4-methylphenyl)sulfonyl]-L-aspartic acid'
5 water water
#
_entity_poly.entity_id   1
_entity_poly.type   'polypeptide(L)'
_entity_poly.pdbx_seq_one_letter_code
;VVGGTEAQRNSWPSQISLQYRSGSSWAHTCGGTLIRQNWVMTAAHCVDRELTFRVVVGEHNLNQNNGTEQYVGVQKIVVH
PYWNTDDVAAGYDIALLRLAQSVTLNSYVQLGVLPRAGTILANNSPCYITGWGLTRTNGQLAQTLQQAYLPTVDYAICSS
SSYWGSTVKNSMVCAGGDGVRSGCQGDSGGPLHCLVNGQYAVHGVTSFVSRLGCNVTRKPTVFTRVSAYISWINNVIASN
;
_entity_poly.pdbx_strand_id   A
#
# COMPACT_ATOMS: atom_id res chain seq x y z
N VAL A 1 -1.02 10.35 3.59
CA VAL A 1 -2.43 10.26 4.04
C VAL A 1 -2.92 11.63 4.52
N VAL A 2 -4.00 12.04 3.88
CA VAL A 2 -4.66 13.28 4.21
C VAL A 2 -5.67 13.03 5.33
N GLY A 3 -5.75 13.88 6.35
CA GLY A 3 -6.77 13.70 7.39
C GLY A 3 -6.47 12.52 8.30
N GLY A 4 -5.21 12.14 8.41
CA GLY A 4 -4.79 11.04 9.22
C GLY A 4 -4.46 11.40 10.66
N THR A 5 -4.14 10.40 11.40
CA THR A 5 -3.65 10.53 12.79
C THR A 5 -2.37 9.75 12.91
N GLU A 6 -1.47 10.08 13.83
CA GLU A 6 -0.24 9.32 13.96
C GLU A 6 -0.49 7.93 14.50
N ALA A 7 -0.05 6.91 13.82
CA ALA A 7 -0.20 5.52 14.23
C ALA A 7 0.64 5.23 15.46
N GLN A 8 0.14 4.41 16.39
CA GLN A 8 1.06 3.89 17.42
C GLN A 8 2.13 3.04 16.76
N ARG A 9 3.34 2.97 17.23
CA ARG A 9 4.52 2.32 16.76
C ARG A 9 4.40 0.83 16.46
N ASN A 10 3.48 0.15 17.15
CA ASN A 10 3.36 -1.28 16.89
C ASN A 10 1.97 -1.66 16.46
N SER A 11 1.20 -0.69 15.95
CA SER A 11 -0.09 -1.06 15.39
C SER A 11 -0.01 -1.82 14.05
N TRP A 12 0.90 -1.44 13.19
CA TRP A 12 0.91 -1.93 11.80
C TRP A 12 2.26 -2.46 11.45
N PRO A 13 2.74 -3.53 12.07
CA PRO A 13 4.12 -3.94 11.93
C PRO A 13 4.53 -4.53 10.59
N SER A 14 3.54 -4.77 9.71
CA SER A 14 3.87 -5.24 8.36
C SER A 14 4.10 -4.07 7.39
N GLN A 15 3.82 -2.83 7.80
CA GLN A 15 4.10 -1.66 6.94
C GLN A 15 5.59 -1.47 6.79
N ILE A 16 6.04 -1.20 5.55
CA ILE A 16 7.45 -0.95 5.28
C ILE A 16 7.52 0.39 4.53
N SER A 17 8.71 0.96 4.46
CA SER A 17 9.00 2.14 3.63
C SER A 17 9.89 1.69 2.47
N LEU A 18 9.50 1.94 1.24
CA LEU A 18 10.32 1.63 0.07
C LEU A 18 11.03 2.90 -0.36
N GLN A 19 12.35 2.84 -0.44
CA GLN A 19 13.15 4.07 -0.63
C GLN A 19 14.10 3.89 -1.79
N TYR A 20 14.49 4.96 -2.43
CA TYR A 20 15.47 4.87 -3.52
C TYR A 20 16.70 5.71 -3.16
N ARG A 21 17.83 5.28 -3.74
CA ARG A 21 19.07 6.04 -3.49
C ARG A 21 18.98 7.37 -4.23
N SER A 22 19.30 8.45 -3.55
CA SER A 22 19.31 9.81 -3.99
C SER A 22 20.67 10.42 -3.58
N GLY A 23 21.66 10.30 -4.43
CA GLY A 23 23.00 10.81 -4.16
C GLY A 23 23.61 10.23 -2.92
N SER A 24 23.77 11.04 -1.86
CA SER A 24 24.39 10.47 -0.66
C SER A 24 23.33 9.93 0.30
N SER A 25 22.07 10.23 0.03
CA SER A 25 20.96 9.85 0.86
C SER A 25 19.95 8.89 0.19
N TRP A 26 18.93 8.57 0.96
CA TRP A 26 17.83 7.70 0.56
C TRP A 26 16.53 8.46 0.66
N ALA A 27 15.59 8.30 -0.23
CA ALA A 27 14.33 8.99 -0.20
C ALA A 27 13.15 7.99 -0.19
N HIS A 28 12.19 8.28 0.70
CA HIS A 28 10.94 7.47 0.66
C HIS A 28 10.19 7.69 -0.60
N THR A 29 9.71 6.62 -1.25
CA THR A 29 8.89 6.79 -2.44
C THR A 29 7.53 6.08 -2.33
N CYS A 30 7.45 5.01 -1.57
CA CYS A 30 6.22 4.19 -1.51
C CYS A 30 6.17 3.36 -0.27
N GLY A 31 4.95 2.80 -0.06
CA GLY A 31 4.84 1.86 1.08
C GLY A 31 4.90 0.44 0.50
N GLY A 32 4.73 -0.51 1.38
CA GLY A 32 4.63 -1.92 0.99
C GLY A 32 4.21 -2.71 2.24
N THR A 33 4.03 -3.98 2.06
CA THR A 33 3.60 -4.90 3.12
C THR A 33 4.59 -6.06 3.21
N LEU A 34 5.19 -6.29 4.35
CA LEU A 34 6.10 -7.44 4.51
C LEU A 34 5.20 -8.69 4.49
N ILE A 35 5.40 -9.62 3.54
CA ILE A 35 4.54 -10.83 3.54
C ILE A 35 5.35 -12.10 3.75
N ARG A 36 6.65 -12.10 3.65
CA ARG A 36 7.51 -13.21 4.03
C ARG A 36 8.72 -12.58 4.70
N GLN A 37 9.57 -13.31 5.42
CA GLN A 37 10.73 -12.58 5.98
C GLN A 37 11.63 -12.05 4.91
N ASN A 38 11.54 -12.52 3.67
CA ASN A 38 12.34 -11.97 2.56
C ASN A 38 11.49 -11.52 1.40
N TRP A 39 10.21 -11.21 1.59
CA TRP A 39 9.40 -10.75 0.48
C TRP A 39 8.50 -9.59 0.90
N VAL A 40 8.45 -8.57 0.03
CA VAL A 40 7.53 -7.45 0.22
C VAL A 40 6.53 -7.34 -0.91
N MET A 41 5.28 -7.11 -0.62
CA MET A 41 4.25 -6.78 -1.58
C MET A 41 4.08 -5.26 -1.71
N THR A 42 4.18 -4.76 -2.93
CA THR A 42 4.00 -3.33 -3.19
C THR A 42 3.28 -3.08 -4.48
N ALA A 43 3.15 -1.84 -4.95
CA ALA A 43 2.48 -1.54 -6.22
C ALA A 43 3.52 -1.64 -7.36
N ALA A 44 3.07 -2.17 -8.51
CA ALA A 44 3.97 -2.17 -9.68
C ALA A 44 4.47 -0.78 -10.00
N HIS A 45 3.60 0.22 -9.93
CA HIS A 45 3.98 1.58 -10.41
C HIS A 45 5.07 2.14 -9.52
N CYS A 46 5.28 1.59 -8.33
CA CYS A 46 6.31 2.03 -7.42
C CYS A 46 7.71 1.65 -7.91
N VAL A 47 7.77 0.66 -8.82
CA VAL A 47 9.10 0.21 -9.23
C VAL A 47 9.22 0.36 -10.74
N ASP A 48 8.45 1.33 -11.25
CA ASP A 48 8.53 1.65 -12.67
C ASP A 48 9.86 2.26 -13.06
N ARG A 49 10.44 3.10 -12.20
CA ARG A 49 11.70 3.77 -12.49
C ARG A 49 12.89 2.85 -12.22
N GLU A 50 13.90 2.93 -13.09
CA GLU A 50 15.06 2.09 -12.90
C GLU A 50 15.97 2.61 -11.79
N LEU A 51 15.50 2.68 -10.57
CA LEU A 51 16.27 3.16 -9.41
C LEU A 51 16.89 2.08 -8.57
N THR A 52 17.77 2.45 -7.62
CA THR A 52 18.28 1.51 -6.63
C THR A 52 17.33 1.55 -5.43
N PHE A 53 16.78 0.43 -5.02
CA PHE A 53 15.78 0.47 -3.94
C PHE A 53 16.27 -0.26 -2.72
N ARG A 54 15.77 0.17 -1.52
CA ARG A 54 15.91 -0.55 -0.30
C ARG A 54 14.54 -0.56 0.43
N VAL A 55 14.40 -1.52 1.31
CA VAL A 55 13.23 -1.61 2.20
C VAL A 55 13.66 -1.30 3.63
N VAL A 56 12.89 -0.53 4.35
CA VAL A 56 13.09 -0.34 5.78
C VAL A 56 11.88 -0.94 6.52
N VAL A 57 12.16 -1.93 7.36
CA VAL A 57 11.13 -2.48 8.25
C VAL A 57 11.31 -1.90 9.63
N GLY A 58 10.27 -1.87 10.46
CA GLY A 58 10.47 -1.33 11.85
C GLY A 58 10.65 0.17 11.81
N GLU A 59 10.18 0.85 10.79
CA GLU A 59 10.21 2.31 10.66
C GLU A 59 8.97 2.99 11.14
N HIS A 60 9.16 4.12 11.86
CA HIS A 60 8.03 4.91 12.32
C HIS A 60 8.20 6.37 11.87
N ASN A 61 9.41 6.90 12.09
CA ASN A 61 9.72 8.27 11.72
C ASN A 61 10.84 8.29 10.67
N LEU A 62 10.49 8.82 9.49
CA LEU A 62 11.47 8.86 8.41
C LEU A 62 12.62 9.81 8.68
N ASN A 63 12.46 10.73 9.63
CA ASN A 63 13.54 11.73 9.83
C ASN A 63 14.20 11.64 11.17
N GLN A 64 13.91 10.61 11.95
CA GLN A 64 14.56 10.35 13.24
C GLN A 64 14.92 8.89 13.44
N ASN A 65 15.97 8.63 14.23
CA ASN A 65 16.28 7.26 14.62
C ASN A 65 15.20 6.74 15.53
N ASN A 66 14.52 5.64 15.14
CA ASN A 66 13.51 5.12 16.06
C ASN A 66 14.13 4.07 16.95
N GLY A 67 15.30 3.56 16.57
CA GLY A 67 15.92 2.49 17.35
C GLY A 67 15.30 1.15 17.12
N THR A 68 14.52 1.03 16.00
CA THR A 68 13.91 -0.25 15.69
C THR A 68 14.02 -0.68 14.26
N GLU A 69 14.64 0.16 13.42
CA GLU A 69 14.69 -0.14 11.99
C GLU A 69 15.64 -1.23 11.60
N GLN A 70 15.33 -1.91 10.48
CA GLN A 70 16.22 -2.83 9.82
C GLN A 70 16.21 -2.42 8.34
N TYR A 71 17.38 -2.33 7.72
CA TYR A 71 17.54 -1.85 6.35
C TYR A 71 17.99 -3.00 5.48
N VAL A 72 17.33 -3.23 4.38
CA VAL A 72 17.70 -4.36 3.48
C VAL A 72 17.50 -4.02 2.04
N GLY A 73 18.49 -4.42 1.21
CA GLY A 73 18.42 -4.12 -0.20
C GLY A 73 17.38 -5.01 -0.92
N VAL A 74 16.95 -4.58 -2.10
CA VAL A 74 16.03 -5.34 -2.94
C VAL A 74 16.86 -6.17 -3.94
N GLN A 75 16.72 -7.49 -3.86
CA GLN A 75 17.55 -8.38 -4.69
C GLN A 75 16.88 -8.74 -5.97
N LYS A 76 15.53 -8.73 -6.00
CA LYS A 76 14.82 -9.07 -7.21
C LYS A 76 13.42 -8.47 -7.20
N ILE A 77 12.97 -8.07 -8.35
CA ILE A 77 11.69 -7.38 -8.49
C ILE A 77 10.84 -8.13 -9.51
N VAL A 78 9.68 -8.57 -9.08
CA VAL A 78 8.77 -9.29 -10.00
C VAL A 78 7.48 -8.50 -10.12
N VAL A 79 7.31 -7.77 -11.24
CA VAL A 79 6.08 -7.02 -11.52
C VAL A 79 5.03 -7.93 -12.11
N HIS A 80 3.75 -7.70 -11.84
CA HIS A 80 2.74 -8.50 -12.53
C HIS A 80 2.93 -8.39 -14.04
N PRO A 81 2.94 -9.54 -14.73
CA PRO A 81 3.14 -9.51 -16.17
C PRO A 81 2.10 -8.77 -16.97
N TYR A 82 0.91 -8.45 -16.48
CA TYR A 82 -0.06 -7.71 -17.24
C TYR A 82 -0.03 -6.22 -16.93
N TRP A 83 0.85 -5.77 -16.05
CA TRP A 83 0.93 -4.34 -15.70
C TRP A 83 1.38 -3.48 -16.88
N ASN A 84 0.77 -2.34 -17.04
CA ASN A 84 1.08 -1.34 -18.06
C ASN A 84 1.08 0.06 -17.45
N THR A 85 2.25 0.70 -17.38
CA THR A 85 2.36 1.99 -16.69
C THR A 85 1.54 3.09 -17.31
N ASP A 86 1.11 2.98 -18.57
CA ASP A 86 0.29 4.06 -19.14
C ASP A 86 -1.20 3.78 -19.02
N ASP A 87 -1.53 2.76 -18.26
CA ASP A 87 -2.95 2.38 -18.06
C ASP A 87 -3.18 1.86 -16.66
N VAL A 88 -3.06 2.72 -15.62
CA VAL A 88 -3.24 2.20 -14.25
C VAL A 88 -4.66 1.69 -14.06
N ALA A 89 -5.60 2.17 -14.85
CA ALA A 89 -7.02 1.81 -14.69
C ALA A 89 -7.29 0.40 -15.15
N ALA A 90 -6.34 -0.20 -15.84
CA ALA A 90 -6.51 -1.58 -16.27
C ALA A 90 -6.30 -2.55 -15.11
N GLY A 91 -5.64 -2.02 -14.04
CA GLY A 91 -5.33 -2.91 -12.91
C GLY A 91 -3.97 -3.52 -12.97
N TYR A 92 -3.76 -4.63 -12.26
CA TYR A 92 -2.54 -5.36 -12.15
C TYR A 92 -1.41 -4.53 -11.51
N ASP A 93 -1.84 -3.56 -10.65
CA ASP A 93 -0.77 -2.71 -10.04
C ASP A 93 -0.28 -3.37 -8.78
N ILE A 94 0.57 -4.35 -8.97
CA ILE A 94 1.13 -5.13 -7.86
C ILE A 94 2.47 -5.68 -8.31
N ALA A 95 3.39 -5.82 -7.36
CA ALA A 95 4.69 -6.38 -7.55
C ALA A 95 5.22 -6.99 -6.26
N LEU A 96 6.14 -7.89 -6.40
CA LEU A 96 6.78 -8.51 -5.25
C LEU A 96 8.29 -8.23 -5.27
N LEU A 97 8.84 -7.89 -4.12
CA LEU A 97 10.26 -7.66 -3.98
C LEU A 97 10.91 -8.72 -3.12
N ARG A 98 11.88 -9.46 -3.66
CA ARG A 98 12.64 -10.39 -2.82
C ARG A 98 13.78 -9.62 -2.15
N LEU A 99 13.88 -9.67 -0.85
CA LEU A 99 14.88 -8.94 -0.07
C LEU A 99 16.24 -9.66 -0.09
N ALA A 100 17.35 -8.91 -0.01
CA ALA A 100 18.64 -9.61 -0.11
C ALA A 100 18.92 -10.42 1.15
N GLN A 101 18.31 -10.04 2.25
CA GLN A 101 18.44 -10.77 3.50
C GLN A 101 17.06 -10.95 4.11
N SER A 102 16.85 -11.98 4.89
CA SER A 102 15.58 -12.13 5.62
C SER A 102 15.61 -11.24 6.84
N VAL A 103 14.55 -10.51 7.11
CA VAL A 103 14.46 -9.62 8.27
C VAL A 103 14.05 -10.39 9.51
N THR A 104 14.33 -9.82 10.68
CA THR A 104 14.00 -10.42 11.96
C THR A 104 12.68 -9.90 12.49
N LEU A 105 11.84 -10.84 12.96
CA LEU A 105 10.50 -10.46 13.36
C LEU A 105 10.43 -10.08 14.84
N ASN A 106 9.64 -9.10 15.21
CA ASN A 106 9.48 -8.57 16.57
C ASN A 106 8.26 -7.68 16.65
N SER A 107 8.03 -6.95 17.74
CA SER A 107 6.73 -6.25 17.79
C SER A 107 6.62 -5.11 16.80
N TYR A 108 7.70 -4.74 16.14
CA TYR A 108 7.69 -3.69 15.13
C TYR A 108 7.75 -4.27 13.72
N VAL A 109 7.99 -5.55 13.58
CA VAL A 109 8.26 -6.20 12.29
C VAL A 109 7.50 -7.52 12.25
N GLN A 110 6.35 -7.58 11.58
CA GLN A 110 5.62 -8.85 11.46
C GLN A 110 5.13 -9.06 10.03
N LEU A 111 4.72 -10.27 9.70
CA LEU A 111 4.15 -10.49 8.37
C LEU A 111 2.71 -9.99 8.30
N GLY A 112 2.35 -9.44 7.14
CA GLY A 112 0.97 -8.99 6.90
C GLY A 112 0.11 -10.24 6.64
N VAL A 113 -1.06 -10.28 7.24
CA VAL A 113 -1.95 -11.43 6.94
C VAL A 113 -2.78 -11.08 5.72
N LEU A 114 -2.82 -11.91 4.71
CA LEU A 114 -3.57 -11.67 3.47
C LEU A 114 -4.92 -12.37 3.53
N PRO A 115 -5.94 -11.87 2.88
CA PRO A 115 -7.23 -12.57 2.90
C PRO A 115 -7.19 -13.83 2.06
N ARG A 116 -8.23 -14.66 2.31
CA ARG A 116 -8.41 -15.79 1.41
C ARG A 116 -8.78 -15.35 0.01
N ALA A 117 -8.42 -16.15 -0.96
CA ALA A 117 -8.72 -15.90 -2.37
C ALA A 117 -10.19 -15.66 -2.59
N GLY A 118 -10.52 -14.61 -3.32
CA GLY A 118 -11.82 -14.23 -3.71
C GLY A 118 -12.67 -13.46 -2.74
N THR A 119 -12.15 -13.23 -1.53
CA THR A 119 -12.90 -12.49 -0.56
C THR A 119 -13.25 -11.10 -0.99
N ILE A 120 -14.53 -10.74 -0.92
CA ILE A 120 -14.86 -9.32 -1.18
C ILE A 120 -15.60 -8.75 0.02
N LEU A 121 -15.23 -7.51 0.38
CA LEU A 121 -15.80 -6.96 1.58
C LEU A 121 -17.14 -6.31 1.32
N ALA A 122 -18.04 -6.44 2.32
CA ALA A 122 -19.31 -5.77 2.24
C ALA A 122 -19.12 -4.25 2.14
N ASN A 123 -20.08 -3.57 1.54
CA ASN A 123 -20.03 -2.11 1.49
C ASN A 123 -19.85 -1.51 2.88
N ASN A 124 -19.04 -0.44 2.94
CA ASN A 124 -18.82 0.26 4.19
C ASN A 124 -18.12 -0.55 5.25
N SER A 125 -17.26 -1.51 4.89
CA SER A 125 -16.48 -2.28 5.85
C SER A 125 -15.35 -1.44 6.45
N PRO A 126 -15.03 -1.67 7.72
CA PRO A 126 -14.03 -0.82 8.39
C PRO A 126 -12.61 -1.16 8.01
N CYS A 127 -11.91 -0.14 7.44
CA CYS A 127 -10.51 -0.31 7.04
C CYS A 127 -9.68 0.94 7.41
N TYR A 128 -8.38 0.76 7.51
CA TYR A 128 -7.45 1.90 7.74
C TYR A 128 -6.40 1.88 6.64
N ILE A 129 -6.17 3.04 6.04
CA ILE A 129 -4.97 3.17 5.21
C ILE A 129 -3.78 3.61 6.05
N THR A 130 -2.57 3.19 5.75
CA THR A 130 -1.42 3.67 6.52
C THR A 130 -0.32 4.12 5.55
N GLY A 131 0.47 5.09 6.00
CA GLY A 131 1.61 5.47 5.11
C GLY A 131 2.22 6.81 5.51
N TRP A 132 3.33 7.11 4.81
CA TRP A 132 4.02 8.39 5.05
C TRP A 132 3.75 9.39 3.92
N GLY A 133 2.75 9.14 3.09
CA GLY A 133 2.43 10.01 1.97
C GLY A 133 2.06 11.41 2.37
N LEU A 134 1.88 12.27 1.36
CA LEU A 134 1.48 13.64 1.56
C LEU A 134 0.28 13.78 2.50
N THR A 135 0.40 14.80 3.38
CA THR A 135 -0.69 15.04 4.31
C THR A 135 -1.70 16.02 3.78
N ARG A 136 -1.46 16.66 2.65
CA ARG A 136 -2.43 17.49 1.93
C ARG A 136 -2.15 17.33 0.46
N THR A 137 -3.15 17.51 -0.38
CA THR A 137 -2.97 17.51 -1.81
C THR A 137 -1.85 18.54 -2.14
N ASN A 138 -0.88 18.17 -2.92
CA ASN A 138 0.27 19.05 -3.24
C ASN A 138 0.97 19.51 -1.97
N GLY A 139 0.96 18.68 -0.91
CA GLY A 139 1.66 18.97 0.33
C GLY A 139 2.98 18.26 0.43
N GLN A 140 3.33 17.78 1.63
CA GLN A 140 4.60 17.12 1.80
C GLN A 140 4.44 15.79 2.55
N LEU A 141 5.42 14.92 2.39
CA LEU A 141 5.41 13.68 3.17
C LEU A 141 5.29 13.90 4.65
N ALA A 142 4.59 12.95 5.31
CA ALA A 142 4.61 12.94 6.76
C ALA A 142 5.95 12.53 7.29
N GLN A 143 6.28 13.01 8.51
CA GLN A 143 7.48 12.44 9.16
C GLN A 143 7.11 11.15 9.87
N THR A 144 6.00 11.14 10.61
CA THR A 144 5.60 9.91 11.34
C THR A 144 4.56 9.12 10.57
N LEU A 145 4.54 7.79 10.70
CA LEU A 145 3.53 6.98 10.00
C LEU A 145 2.12 7.41 10.36
N GLN A 146 1.27 7.65 9.36
CA GLN A 146 -0.10 8.09 9.59
C GLN A 146 -1.13 6.99 9.27
N GLN A 147 -2.29 7.07 9.88
CA GLN A 147 -3.39 6.15 9.60
C GLN A 147 -4.66 6.95 9.38
N ALA A 148 -5.57 6.48 8.53
CA ALA A 148 -6.86 7.14 8.38
C ALA A 148 -7.95 6.06 8.22
N TYR A 149 -9.06 6.26 8.87
CA TYR A 149 -10.23 5.38 8.69
C TYR A 149 -10.87 5.59 7.35
N LEU A 150 -10.85 4.60 6.47
CA LEU A 150 -11.44 4.65 5.13
C LEU A 150 -12.42 3.46 4.96
N PRO A 151 -13.70 3.64 5.14
CA PRO A 151 -14.62 2.49 4.92
C PRO A 151 -14.72 2.18 3.43
N THR A 152 -14.87 0.88 3.12
CA THR A 152 -14.96 0.51 1.72
C THR A 152 -16.19 1.06 1.03
N VAL A 153 -16.05 1.21 -0.29
CA VAL A 153 -17.13 1.55 -1.21
C VAL A 153 -17.23 0.41 -2.21
N ASP A 154 -18.35 -0.32 -2.24
CA ASP A 154 -18.35 -1.54 -3.03
C ASP A 154 -18.30 -1.27 -4.53
N TYR A 155 -18.12 -2.35 -5.30
CA TYR A 155 -17.92 -2.16 -6.75
C TYR A 155 -19.07 -1.47 -7.39
N ALA A 156 -20.33 -1.84 -7.05
CA ALA A 156 -21.44 -1.21 -7.79
C ALA A 156 -21.54 0.26 -7.54
N ILE A 157 -21.18 0.73 -6.33
CA ILE A 157 -21.18 2.17 -6.07
C ILE A 157 -19.91 2.79 -6.67
N CYS A 158 -18.80 2.12 -6.46
CA CYS A 158 -17.54 2.77 -6.88
C CYS A 158 -17.41 2.92 -8.36
N SER A 159 -18.01 2.01 -9.11
CA SER A 159 -17.93 2.03 -10.58
C SER A 159 -19.07 2.82 -11.18
N SER A 160 -19.85 3.49 -10.34
CA SER A 160 -20.97 4.29 -10.91
C SER A 160 -20.46 5.63 -11.41
N SER A 161 -21.24 6.30 -12.25
CA SER A 161 -20.90 7.51 -12.92
C SER A 161 -20.44 8.64 -12.02
N SER A 162 -21.06 8.86 -10.89
CA SER A 162 -20.70 9.87 -9.91
C SER A 162 -19.36 9.55 -9.21
N TYR A 163 -19.04 8.25 -9.14
CA TYR A 163 -17.76 7.88 -8.49
C TYR A 163 -16.67 7.72 -9.51
N TRP A 164 -16.14 6.51 -9.76
CA TRP A 164 -15.05 6.33 -10.69
C TRP A 164 -15.48 5.81 -12.05
N GLY A 165 -16.75 5.43 -12.21
CA GLY A 165 -17.14 4.96 -13.58
C GLY A 165 -16.33 3.74 -13.96
N SER A 166 -16.03 3.62 -15.25
CA SER A 166 -15.35 2.50 -15.85
C SER A 166 -13.90 2.39 -15.40
N THR A 167 -13.44 3.45 -14.70
CA THR A 167 -12.02 3.43 -14.32
C THR A 167 -11.75 2.37 -13.24
N VAL A 168 -12.77 2.08 -12.43
CA VAL A 168 -12.56 1.05 -11.37
C VAL A 168 -13.01 -0.31 -11.87
N LYS A 169 -12.20 -1.31 -11.59
CA LYS A 169 -12.43 -2.68 -11.98
C LYS A 169 -12.74 -3.51 -10.71
N ASN A 170 -13.34 -4.68 -10.91
CA ASN A 170 -13.58 -5.56 -9.72
C ASN A 170 -12.31 -6.13 -9.17
N SER A 171 -11.13 -5.97 -9.83
CA SER A 171 -9.88 -6.39 -9.26
C SER A 171 -9.31 -5.32 -8.31
N MET A 172 -10.13 -4.36 -8.04
CA MET A 172 -9.76 -3.25 -7.16
C MET A 172 -10.69 -3.15 -5.95
N VAL A 173 -10.19 -2.49 -4.91
CA VAL A 173 -10.97 -2.13 -3.73
C VAL A 173 -11.07 -0.62 -3.68
N CYS A 174 -12.22 -0.02 -3.52
CA CYS A 174 -12.32 1.40 -3.24
C CYS A 174 -12.53 1.64 -1.74
N ALA A 175 -11.93 2.65 -1.15
CA ALA A 175 -12.22 2.98 0.24
C ALA A 175 -12.15 4.51 0.45
N GLY A 176 -13.08 5.03 1.24
CA GLY A 176 -13.04 6.46 1.56
C GLY A 176 -13.96 7.26 0.66
N GLY A 177 -13.40 8.39 0.16
CA GLY A 177 -14.17 9.28 -0.69
C GLY A 177 -14.98 10.30 0.12
N ASP A 178 -14.70 10.53 1.39
CA ASP A 178 -15.50 11.49 2.17
C ASP A 178 -15.07 12.95 1.94
N GLY A 179 -13.99 13.14 1.20
CA GLY A 179 -13.59 14.55 0.95
C GLY A 179 -12.61 15.04 2.00
N VAL A 180 -12.33 14.29 3.02
CA VAL A 180 -11.47 14.75 4.14
C VAL A 180 -10.26 13.86 4.34
N ARG A 181 -10.48 12.55 4.29
CA ARG A 181 -9.45 11.55 4.48
C ARG A 181 -9.17 10.77 3.21
N SER A 182 -7.88 10.46 2.99
CA SER A 182 -7.54 9.73 1.77
C SER A 182 -6.11 9.30 1.74
N GLY A 183 -5.74 8.42 0.81
CA GLY A 183 -4.33 8.24 0.50
C GLY A 183 -3.83 9.48 -0.28
N CYS A 184 -2.50 9.58 -0.37
CA CYS A 184 -1.90 10.65 -1.18
C CYS A 184 -0.57 10.23 -1.73
N GLN A 185 0.07 11.07 -2.54
CA GLN A 185 1.34 10.68 -3.15
C GLN A 185 2.36 10.30 -2.10
N GLY A 186 2.99 9.11 -2.30
CA GLY A 186 3.91 8.58 -1.32
C GLY A 186 3.25 7.41 -0.51
N ASP A 187 1.95 7.29 -0.60
CA ASP A 187 1.29 6.17 0.12
C ASP A 187 1.19 4.95 -0.78
N SER A 188 1.45 5.10 -2.09
CA SER A 188 1.24 4.00 -3.01
C SER A 188 2.07 2.80 -2.62
N GLY A 189 1.44 1.61 -2.95
CA GLY A 189 2.12 0.37 -2.59
C GLY A 189 1.91 -0.14 -1.18
N GLY A 190 1.47 0.73 -0.27
CA GLY A 190 1.25 0.30 1.12
C GLY A 190 -0.07 -0.44 1.26
N PRO A 191 -0.32 -0.85 2.52
CA PRO A 191 -1.52 -1.62 2.84
C PRO A 191 -2.76 -0.82 3.08
N LEU A 192 -3.90 -1.48 2.79
CA LEU A 192 -5.20 -1.14 3.31
C LEU A 192 -5.57 -2.30 4.31
N HIS A 193 -5.64 -2.01 5.57
CA HIS A 193 -5.89 -3.00 6.62
C HIS A 193 -7.38 -3.04 6.96
N CYS A 194 -8.03 -4.21 6.88
CA CYS A 194 -9.47 -4.22 7.14
C CYS A 194 -9.80 -5.30 8.18
N LEU A 195 -10.67 -4.92 9.11
CA LEU A 195 -11.01 -5.80 10.26
C LEU A 195 -12.10 -6.77 9.85
N VAL A 196 -11.79 -8.07 9.85
CA VAL A 196 -12.71 -9.13 9.49
C VAL A 196 -12.58 -10.30 10.47
N ASN A 197 -13.71 -10.67 11.06
CA ASN A 197 -13.72 -11.77 12.05
C ASN A 197 -12.69 -11.53 13.12
N GLY A 198 -12.52 -10.25 13.54
CA GLY A 198 -11.67 -9.95 14.65
C GLY A 198 -10.22 -9.75 14.34
N GLN A 199 -9.79 -9.98 13.10
CA GLN A 199 -8.35 -9.83 12.79
C GLN A 199 -8.20 -8.81 11.66
N TYR A 200 -7.16 -7.99 11.71
CA TYR A 200 -6.90 -7.08 10.55
C TYR A 200 -6.21 -7.89 9.46
N ALA A 201 -6.60 -7.72 8.19
CA ALA A 201 -5.89 -8.35 7.10
C ALA A 201 -5.65 -7.24 6.02
N VAL A 202 -4.63 -7.51 5.24
CA VAL A 202 -4.28 -6.50 4.16
C VAL A 202 -5.08 -6.85 2.92
N HIS A 203 -6.19 -6.12 2.74
CA HIS A 203 -7.05 -6.36 1.60
C HIS A 203 -6.67 -5.57 0.36
N GLY A 204 -5.87 -4.50 0.55
CA GLY A 204 -5.56 -3.65 -0.61
C GLY A 204 -4.11 -3.21 -0.69
N VAL A 205 -3.63 -2.93 -1.89
CA VAL A 205 -2.34 -2.31 -2.18
C VAL A 205 -2.63 -0.92 -2.78
N THR A 206 -2.23 0.16 -2.11
CA THR A 206 -2.62 1.50 -2.58
C THR A 206 -2.15 1.80 -3.99
N SER A 207 -3.08 2.26 -4.84
CA SER A 207 -2.74 2.42 -6.26
C SER A 207 -3.01 3.79 -6.80
N PHE A 208 -4.20 4.36 -6.66
CA PHE A 208 -4.38 5.70 -7.26
C PHE A 208 -5.45 6.53 -6.58
N VAL A 209 -5.41 7.83 -6.89
CA VAL A 209 -6.35 8.86 -6.51
C VAL A 209 -6.67 9.71 -7.75
N SER A 210 -7.65 10.59 -7.58
CA SER A 210 -8.01 11.52 -8.64
C SER A 210 -6.86 12.41 -9.08
N ARG A 211 -6.82 12.71 -10.38
CA ARG A 211 -5.82 13.67 -10.87
C ARG A 211 -6.15 15.05 -10.30
N LEU A 212 -7.38 15.25 -9.85
CA LEU A 212 -7.78 16.54 -9.29
C LEU A 212 -7.31 16.76 -7.88
N GLY A 213 -7.01 15.68 -7.14
CA GLY A 213 -6.52 15.82 -5.78
C GLY A 213 -6.68 14.48 -5.02
N CYS A 214 -6.12 14.48 -3.81
CA CYS A 214 -6.14 13.23 -3.00
C CYS A 214 -7.51 13.09 -2.34
N ASN A 215 -7.90 14.01 -1.49
CA ASN A 215 -9.17 13.97 -0.77
C ASN A 215 -10.25 14.69 -1.55
N VAL A 216 -10.93 13.99 -2.45
CA VAL A 216 -11.96 14.57 -3.30
C VAL A 216 -13.23 13.78 -3.08
N THR A 217 -14.33 14.43 -2.77
CA THR A 217 -15.59 13.73 -2.50
C THR A 217 -15.96 12.88 -3.70
N ARG A 218 -16.30 11.62 -3.41
CA ARG A 218 -16.74 10.65 -4.39
C ARG A 218 -15.63 10.19 -5.31
N LYS A 219 -14.39 10.44 -4.89
CA LYS A 219 -13.28 9.79 -5.58
C LYS A 219 -12.49 9.10 -4.47
N PRO A 220 -13.03 7.96 -4.00
CA PRO A 220 -12.32 7.26 -2.93
C PRO A 220 -10.93 6.82 -3.42
N THR A 221 -10.04 6.56 -2.46
CA THR A 221 -8.72 6.03 -2.82
C THR A 221 -8.89 4.65 -3.43
N VAL A 222 -8.12 4.28 -4.42
CA VAL A 222 -8.30 2.96 -5.05
C VAL A 222 -7.08 2.10 -4.82
N PHE A 223 -7.29 0.84 -4.51
CA PHE A 223 -6.34 -0.16 -4.18
C PHE A 223 -6.45 -1.41 -5.06
N THR A 224 -5.35 -2.02 -5.41
CA THR A 224 -5.35 -3.38 -5.98
C THR A 224 -5.94 -4.35 -4.94
N ARG A 225 -6.88 -5.18 -5.37
CA ARG A 225 -7.56 -6.12 -4.41
C ARG A 225 -6.68 -7.34 -4.22
N VAL A 226 -6.04 -7.42 -3.09
CA VAL A 226 -5.11 -8.49 -2.78
C VAL A 226 -5.75 -9.85 -3.03
N SER A 227 -7.04 -9.97 -2.68
CA SER A 227 -7.64 -11.34 -2.73
C SER A 227 -7.84 -11.81 -4.14
N ALA A 228 -7.63 -10.95 -5.11
CA ALA A 228 -7.67 -11.38 -6.52
C ALA A 228 -6.36 -11.96 -6.95
N TYR A 229 -5.24 -11.79 -6.23
CA TYR A 229 -3.92 -12.13 -6.65
C TYR A 229 -3.22 -13.17 -5.85
N ILE A 230 -3.99 -13.89 -4.93
CA ILE A 230 -3.34 -14.84 -4.07
C ILE A 230 -2.61 -15.95 -4.81
N SER A 231 -3.22 -16.50 -5.88
CA SER A 231 -2.49 -17.55 -6.61
C SER A 231 -1.24 -16.98 -7.28
N TRP A 232 -1.37 -15.78 -7.85
CA TRP A 232 -0.19 -15.13 -8.46
C TRP A 232 0.94 -14.95 -7.45
N ILE A 233 0.59 -14.40 -6.27
CA ILE A 233 1.61 -14.22 -5.25
C ILE A 233 2.28 -15.50 -4.86
N ASN A 234 1.48 -16.56 -4.58
CA ASN A 234 2.06 -17.85 -4.18
C ASN A 234 2.92 -18.43 -5.29
N ASN A 235 2.50 -18.26 -6.55
CA ASN A 235 3.22 -18.81 -7.71
C ASN A 235 4.59 -18.13 -7.82
N VAL A 236 4.59 -16.81 -7.60
CA VAL A 236 5.92 -16.14 -7.62
C VAL A 236 6.80 -16.62 -6.49
N ILE A 237 6.33 -16.66 -5.26
CA ILE A 237 7.20 -16.95 -4.10
C ILE A 237 7.74 -18.36 -4.24
N ALA A 238 6.86 -19.27 -4.64
CA ALA A 238 7.26 -20.64 -4.89
C ALA A 238 8.35 -20.75 -5.95
N SER A 239 8.22 -20.02 -7.04
CA SER A 239 9.06 -20.14 -8.20
C SER A 239 10.25 -19.20 -8.15
N ASN A 240 10.50 -18.66 -6.97
CA ASN A 240 11.58 -17.70 -6.76
C ASN A 240 12.26 -17.85 -5.42
#